data_8PKC
#
_entry.id   8PKC
#
_cell.length_a   93.600
_cell.length_b   93.600
_cell.length_c   189.490
_cell.angle_alpha   90.000
_cell.angle_beta   90.000
_cell.angle_gamma   90.000
#
_symmetry.space_group_name_H-M   'P 41 21 2'
#
loop_
_entity.id
_entity.type
_entity.pdbx_description
1 polymer 'Phospholipase A2'
2 polymer 'AM1-4 nanobody'
3 non-polymer 2-acetamido-2-deoxy-beta-D-glucopyranose
#
loop_
_entity_poly.entity_id
_entity_poly.type
_entity_poly.pdbx_seq_one_letter_code
_entity_poly.pdbx_strand_id
1 'polypeptide(L)'
;IIYPGTLWCGHGNKSSGPNELGRFKHTDACCRTHDMCPDVMSAGESKHGLTNTASHTRLSCDCDDKFYDCLKNSADTISS
YFVGKMYFNLIDTKCYKLEHPVTGCGERTEGRCLHYTVDKSKPKVYQWFDLRKY
;
A,B
2 'polypeptide(L)'
;MQVQLVESGGGLVQAGGSLRLSCAASGRTFSRYAMGWFRQAPGKEREFVSAISGSGGFTDYADSVKGRFTISRDNAKSTV
YLRMSSLKPEDTAVYYCAAEGSRGSSTRLDARGTYDYWGQGTQVTVSSG
;
C,D
#
loop_
_chem_comp.id
_chem_comp.type
_chem_comp.name
_chem_comp.formula
NAG D-saccharide, beta linking 2-acetamido-2-deoxy-beta-D-glucopyranose 'C8 H15 N O6'
#
# COMPACT_ATOMS: atom_id res chain seq x y z
N ILE A 2 -12.65 11.26 -11.00
CA ILE A 2 -14.11 11.19 -10.73
C ILE A 2 -14.63 9.93 -11.41
N TYR A 3 -15.65 9.29 -10.81
CA TYR A 3 -16.11 7.98 -11.27
C TYR A 3 -17.10 8.15 -12.43
N PRO A 4 -17.11 7.25 -13.43
CA PRO A 4 -18.13 7.35 -14.49
C PRO A 4 -19.53 7.06 -13.95
N GLY A 5 -20.42 8.05 -14.07
CA GLY A 5 -21.77 7.95 -13.59
C GLY A 5 -22.02 8.60 -12.24
N THR A 6 -20.99 9.21 -11.64
CA THR A 6 -21.10 9.88 -10.36
C THR A 6 -20.65 11.34 -10.49
N LEU A 7 -21.28 12.21 -9.69
CA LEU A 7 -20.94 13.62 -9.66
C LEU A 7 -19.95 13.97 -8.55
N TRP A 8 -20.14 13.44 -7.34
CA TRP A 8 -19.46 13.98 -6.17
C TRP A 8 -18.18 13.23 -5.77
N CYS A 9 -18.13 11.92 -5.96
CA CYS A 9 -16.99 11.10 -5.55
C CYS A 9 -15.70 11.56 -6.21
N GLY A 10 -14.83 12.21 -5.45
CA GLY A 10 -13.52 12.61 -5.90
C GLY A 10 -13.32 14.12 -5.84
N HIS A 11 -12.09 14.53 -6.10
CA HIS A 11 -11.75 15.94 -6.14
C HIS A 11 -12.48 16.62 -7.30
N GLY A 12 -12.81 17.90 -7.11
CA GLY A 12 -13.64 18.60 -8.07
C GLY A 12 -15.04 18.04 -8.07
N ASN A 13 -15.84 18.53 -9.02
CA ASN A 13 -17.23 18.09 -9.11
C ASN A 13 -17.87 18.56 -10.41
N LYS A 14 -18.92 17.83 -10.80
CA LYS A 14 -19.70 18.10 -12.01
C LYS A 14 -21.03 18.77 -11.73
N SER A 15 -21.56 18.63 -10.51
CA SER A 15 -22.95 18.95 -10.25
C SER A 15 -23.22 20.43 -10.36
N SER A 16 -24.49 20.77 -10.63
CA SER A 16 -24.94 22.15 -10.71
C SER A 16 -25.49 22.64 -9.36
N GLY A 17 -26.43 21.89 -8.78
CA GLY A 17 -27.00 22.21 -7.50
C GLY A 17 -26.49 21.28 -6.41
N PRO A 18 -26.58 21.70 -5.14
CA PRO A 18 -26.19 20.78 -4.06
C PRO A 18 -27.17 19.61 -3.88
N ASN A 19 -28.42 19.75 -4.32
CA ASN A 19 -29.45 18.72 -4.19
C ASN A 19 -29.34 17.61 -5.21
N GLU A 20 -28.52 17.79 -6.25
CA GLU A 20 -28.45 16.86 -7.36
C GLU A 20 -27.56 15.69 -7.02
N LEU A 21 -27.97 14.50 -7.49
CA LEU A 21 -27.27 13.24 -7.24
C LEU A 21 -27.03 12.55 -8.56
N GLY A 22 -25.98 11.73 -8.60
CA GLY A 22 -25.57 11.06 -9.83
C GLY A 22 -26.45 9.88 -10.17
N ARG A 23 -25.84 8.90 -10.85
CA ARG A 23 -26.60 7.74 -11.32
C ARG A 23 -27.03 6.86 -10.15
N PHE A 24 -26.11 6.58 -9.24
CA PHE A 24 -26.34 5.68 -8.11
C PHE A 24 -26.89 6.46 -6.93
N LYS A 25 -28.07 6.06 -6.45
CA LYS A 25 -28.73 6.82 -5.39
C LYS A 25 -27.92 6.77 -4.10
N HIS A 26 -27.28 5.63 -3.83
CA HIS A 26 -26.66 5.36 -2.53
C HIS A 26 -25.19 5.79 -2.45
N THR A 27 -24.39 5.54 -3.49
CA THR A 27 -22.98 5.89 -3.42
C THR A 27 -22.76 7.39 -3.51
N ASP A 28 -23.56 8.05 -4.34
CA ASP A 28 -23.38 9.50 -4.52
C ASP A 28 -23.87 10.26 -3.30
N ALA A 29 -24.85 9.72 -2.57
CA ALA A 29 -25.25 10.33 -1.31
C ALA A 29 -24.12 10.27 -0.29
N CYS A 30 -23.44 9.12 -0.19
CA CYS A 30 -22.31 9.00 0.71
C CYS A 30 -21.20 9.98 0.34
N CYS A 31 -20.88 10.08 -0.95
CA CYS A 31 -19.82 11.01 -1.35
C CYS A 31 -20.22 12.46 -1.15
N ARG A 32 -21.51 12.79 -1.35
CA ARG A 32 -21.98 14.15 -1.10
C ARG A 32 -21.87 14.49 0.39
N THR A 33 -22.31 13.59 1.26
CA THR A 33 -22.21 13.84 2.70
C THR A 33 -20.75 13.96 3.12
N HIS A 34 -19.86 13.16 2.51
CA HIS A 34 -18.45 13.23 2.86
C HIS A 34 -17.82 14.54 2.39
N ASP A 35 -18.22 15.02 1.21
CA ASP A 35 -17.68 16.26 0.66
C ASP A 35 -18.28 17.51 1.29
N MET A 36 -19.39 17.38 2.04
CA MET A 36 -19.97 18.48 2.81
C MET A 36 -19.64 18.34 4.29
N CYS A 37 -18.40 17.97 4.60
CA CYS A 37 -17.98 17.86 5.99
C CYS A 37 -17.80 19.27 6.53
N PRO A 38 -18.37 19.62 7.71
CA PRO A 38 -18.19 20.99 8.21
C PRO A 38 -16.74 21.38 8.44
N ASP A 39 -15.96 20.55 9.13
CA ASP A 39 -14.58 20.85 9.49
C ASP A 39 -13.64 20.04 8.61
N VAL A 40 -12.98 20.73 7.67
CA VAL A 40 -11.95 20.15 6.82
C VAL A 40 -10.70 21.02 6.96
N MET A 41 -9.62 20.57 6.31
CA MET A 41 -8.39 21.33 6.23
C MET A 41 -7.88 21.26 4.80
N SER A 42 -7.82 22.42 4.14
CA SER A 42 -7.38 22.49 2.76
C SER A 42 -5.89 22.21 2.66
N ALA A 43 -5.40 22.12 1.42
CA ALA A 43 -3.98 21.86 1.19
C ALA A 43 -3.14 22.98 1.77
N GLY A 44 -2.27 22.63 2.72
CA GLY A 44 -1.45 23.60 3.39
C GLY A 44 -2.14 24.40 4.48
N GLU A 45 -3.44 24.20 4.69
CA GLU A 45 -4.15 24.94 5.72
C GLU A 45 -3.68 24.53 7.11
N SER A 46 -3.68 25.49 8.03
CA SER A 46 -3.41 25.26 9.44
C SER A 46 -4.69 25.44 10.25
N LYS A 47 -4.95 24.52 11.17
CA LYS A 47 -6.12 24.61 12.03
C LYS A 47 -5.90 23.73 13.25
N HIS A 48 -6.37 24.21 14.41
CA HIS A 48 -6.32 23.46 15.67
C HIS A 48 -4.90 23.06 16.05
N GLY A 49 -3.93 23.89 15.68
CA GLY A 49 -2.54 23.59 15.96
C GLY A 49 -1.92 22.54 15.08
N LEU A 50 -2.61 22.09 14.03
CA LEU A 50 -2.11 21.08 13.10
C LEU A 50 -1.96 21.70 11.72
N THR A 51 -0.95 21.24 11.00
CA THR A 51 -0.70 21.64 9.61
C THR A 51 -0.71 20.39 8.74
N ASN A 52 -1.57 20.37 7.73
CA ASN A 52 -1.59 19.29 6.75
C ASN A 52 -0.67 19.65 5.58
N THR A 53 0.09 18.67 5.12
CA THR A 53 1.12 18.85 4.10
C THR A 53 0.79 18.03 2.86
N ALA A 54 -0.50 17.96 2.53
CA ALA A 54 -1.02 17.17 1.43
C ALA A 54 -1.65 18.08 0.39
N SER A 55 -1.58 17.67 -0.88
CA SER A 55 -2.23 18.41 -1.95
C SER A 55 -3.74 18.26 -1.92
N HIS A 56 -4.26 17.18 -1.32
CA HIS A 56 -5.68 16.97 -1.15
C HIS A 56 -6.11 17.43 0.25
N THR A 57 -7.37 17.84 0.35
CA THR A 57 -7.94 18.20 1.65
C THR A 57 -8.04 16.97 2.55
N ARG A 58 -7.68 17.15 3.81
CA ARG A 58 -7.83 16.13 4.85
C ARG A 58 -8.98 16.52 5.77
N LEU A 59 -9.70 15.52 6.24
CA LEU A 59 -11.01 15.70 6.88
C LEU A 59 -10.99 15.11 8.29
N SER A 60 -12.08 15.37 9.02
CA SER A 60 -12.22 14.89 10.38
C SER A 60 -12.49 13.39 10.41
N CYS A 61 -12.10 12.75 11.51
CA CYS A 61 -12.28 11.31 11.61
C CYS A 61 -13.74 10.92 11.71
N ASP A 62 -14.60 11.83 12.20
CA ASP A 62 -16.03 11.51 12.27
C ASP A 62 -16.62 11.39 10.87
N CYS A 63 -16.28 12.33 9.97
CA CYS A 63 -16.76 12.25 8.60
C CYS A 63 -16.24 10.99 7.92
N ASP A 64 -15.00 10.61 8.19
CA ASP A 64 -14.44 9.41 7.56
C ASP A 64 -15.10 8.14 8.10
N ASP A 65 -15.39 8.10 9.40
CA ASP A 65 -16.07 6.93 9.97
C ASP A 65 -17.48 6.80 9.41
N LYS A 66 -18.21 7.92 9.34
CA LYS A 66 -19.55 7.88 8.77
C LYS A 66 -19.50 7.50 7.29
N PHE A 67 -18.49 7.96 6.57
CA PHE A 67 -18.32 7.61 5.16
C PHE A 67 -18.02 6.13 5.00
N TYR A 68 -17.21 5.57 5.90
CA TYR A 68 -16.91 4.16 5.89
C TYR A 68 -18.18 3.33 6.08
N ASP A 69 -18.95 3.66 7.12
CA ASP A 69 -20.20 2.94 7.37
C ASP A 69 -21.20 3.14 6.23
N CYS A 70 -21.21 4.34 5.64
CA CYS A 70 -22.13 4.60 4.53
C CYS A 70 -21.79 3.76 3.31
N LEU A 71 -20.49 3.59 3.02
CA LEU A 71 -20.11 2.79 1.86
C LEU A 71 -20.28 1.31 2.12
N LYS A 72 -20.06 0.86 3.36
CA LYS A 72 -20.19 -0.57 3.65
C LYS A 72 -21.64 -1.04 3.71
N ASN A 73 -22.60 -0.14 3.96
CA ASN A 73 -24.01 -0.47 4.05
C ASN A 73 -24.81 -0.07 2.81
N SER A 74 -24.14 0.27 1.71
CA SER A 74 -24.83 0.69 0.50
C SER A 74 -25.35 -0.53 -0.27
N ALA A 75 -26.35 -0.29 -1.12
CA ALA A 75 -26.97 -1.37 -1.87
C ALA A 75 -26.19 -1.68 -3.14
N ASP A 76 -25.71 -0.67 -3.83
CA ASP A 76 -24.95 -0.87 -5.07
C ASP A 76 -23.52 -1.22 -4.68
N THR A 77 -23.21 -2.52 -4.69
CA THR A 77 -22.00 -3.01 -4.04
C THR A 77 -20.76 -2.69 -4.84
N ILE A 78 -20.84 -2.76 -6.18
CA ILE A 78 -19.64 -2.72 -6.99
C ILE A 78 -19.07 -1.30 -7.08
N SER A 79 -19.92 -0.28 -7.19
CA SER A 79 -19.43 1.09 -7.24
C SER A 79 -18.86 1.53 -5.89
N SER A 80 -19.59 1.24 -4.81
CA SER A 80 -19.12 1.59 -3.48
C SER A 80 -17.84 0.84 -3.14
N TYR A 81 -17.70 -0.41 -3.62
CA TYR A 81 -16.48 -1.16 -3.42
C TYR A 81 -15.27 -0.44 -4.00
N PHE A 82 -15.37 0.02 -5.25
CA PHE A 82 -14.24 0.68 -5.87
C PHE A 82 -13.94 2.02 -5.21
N VAL A 83 -14.97 2.79 -4.87
CA VAL A 83 -14.74 4.08 -4.22
C VAL A 83 -14.06 3.89 -2.86
N GLY A 84 -14.51 2.89 -2.10
CA GLY A 84 -13.87 2.61 -0.81
C GLY A 84 -12.45 2.13 -0.97
N LYS A 85 -12.23 1.19 -1.90
CA LYS A 85 -10.89 0.65 -2.09
C LYS A 85 -9.92 1.66 -2.70
N MET A 86 -10.41 2.75 -3.28
CA MET A 86 -9.52 3.80 -3.77
C MET A 86 -9.27 4.88 -2.73
N TYR A 87 -10.29 5.28 -1.96
CA TYR A 87 -10.09 6.38 -1.02
C TYR A 87 -9.31 5.91 0.20
N PHE A 88 -9.76 4.83 0.83
CA PHE A 88 -9.22 4.45 2.13
C PHE A 88 -7.87 3.75 2.03
N ASN A 89 -7.60 3.02 0.93
CA ASN A 89 -6.49 2.07 0.89
C ASN A 89 -5.28 2.51 0.07
N LEU A 90 -5.41 3.51 -0.80
CA LEU A 90 -4.33 3.90 -1.72
C LEU A 90 -3.60 5.16 -1.28
N ILE A 91 -4.33 6.27 -1.15
CA ILE A 91 -3.70 7.57 -0.97
C ILE A 91 -2.96 7.69 0.37
N ASP A 92 -3.25 6.82 1.33
CA ASP A 92 -2.55 6.81 2.62
C ASP A 92 -2.73 8.14 3.35
N THR A 93 -3.96 8.62 3.38
CA THR A 93 -4.27 9.87 4.06
C THR A 93 -4.47 9.63 5.55
N LYS A 94 -4.68 10.72 6.28
CA LYS A 94 -4.89 10.71 7.72
C LYS A 94 -6.16 11.49 8.00
N CYS A 95 -6.70 11.31 9.21
CA CYS A 95 -7.80 12.13 9.70
C CYS A 95 -7.41 12.68 11.05
N TYR A 96 -7.97 13.84 11.40
CA TYR A 96 -7.63 14.53 12.64
C TYR A 96 -8.84 14.50 13.57
N LYS A 97 -8.57 14.23 14.85
CA LYS A 97 -9.62 14.32 15.86
C LYS A 97 -8.98 14.63 17.21
N LEU A 98 -9.84 14.96 18.17
CA LEU A 98 -9.42 15.33 19.51
C LEU A 98 -9.36 14.09 20.39
N GLU A 99 -8.20 13.85 21.00
CA GLU A 99 -7.96 12.63 21.75
C GLU A 99 -6.85 12.93 22.76
N HIS A 100 -6.77 12.08 23.79
CA HIS A 100 -5.65 12.15 24.70
C HIS A 100 -4.33 11.92 23.93
N PRO A 101 -3.20 12.41 24.46
CA PRO A 101 -1.94 12.28 23.69
C PRO A 101 -1.52 10.83 23.54
N VAL A 102 -1.20 10.46 22.30
CA VAL A 102 -0.76 9.10 22.01
C VAL A 102 0.62 8.87 22.60
N THR A 103 0.80 7.71 23.23
CA THR A 103 2.07 7.28 23.80
C THR A 103 2.82 6.33 22.87
N GLY A 104 2.09 5.47 22.16
CA GLY A 104 2.72 4.54 21.23
C GLY A 104 1.66 3.83 20.41
N CYS A 105 2.12 3.21 19.33
CA CYS A 105 1.23 2.47 18.43
C CYS A 105 1.11 1.03 18.92
N GLY A 106 -0.13 0.59 19.10
CA GLY A 106 -0.40 -0.76 19.56
C GLY A 106 -0.12 -1.78 18.49
N GLU A 107 -0.86 -1.71 17.38
CA GLU A 107 -0.73 -2.65 16.27
C GLU A 107 -0.55 -1.88 14.98
N ARG A 108 0.51 -2.22 14.23
CA ARG A 108 0.84 -1.58 12.96
C ARG A 108 0.93 -2.67 11.91
N THR A 109 0.03 -2.61 10.93
CA THR A 109 -0.09 -3.59 9.86
C THR A 109 -0.04 -2.81 8.55
N GLU A 110 0.82 -3.25 7.64
CA GLU A 110 1.12 -2.48 6.43
C GLU A 110 1.72 -1.15 6.92
N GLY A 111 1.50 -0.05 6.21
CA GLY A 111 2.04 1.22 6.62
C GLY A 111 1.26 2.00 7.65
N ARG A 112 0.18 1.43 8.19
CA ARG A 112 -0.77 2.15 9.03
C ARG A 112 -0.96 1.46 10.38
N CYS A 113 -1.17 2.28 11.41
CA CYS A 113 -1.43 1.85 12.78
C CYS A 113 -2.93 1.69 13.00
N LEU A 114 -3.35 0.46 13.34
CA LEU A 114 -4.77 0.13 13.46
C LEU A 114 -5.29 0.21 14.89
N HIS A 115 -4.42 0.15 15.89
CA HIS A 115 -4.77 0.39 17.29
C HIS A 115 -3.63 1.11 17.98
N TYR A 116 -3.97 2.16 18.74
CA TYR A 116 -3.02 3.02 19.42
C TYR A 116 -3.33 3.03 20.91
N THR A 117 -2.45 3.67 21.67
CA THR A 117 -2.57 3.75 23.12
C THR A 117 -2.22 5.16 23.57
N VAL A 118 -2.82 5.58 24.69
CA VAL A 118 -2.79 6.96 25.13
C VAL A 118 -2.45 7.04 26.62
N ASP A 119 -2.14 8.26 27.05
CA ASP A 119 -2.02 8.61 28.46
C ASP A 119 -3.28 9.34 28.89
N LYS A 120 -3.97 8.79 29.90
CA LYS A 120 -5.21 9.36 30.41
C LYS A 120 -4.96 10.55 31.34
N SER A 121 -3.69 10.90 31.61
CA SER A 121 -3.42 11.87 32.66
C SER A 121 -3.53 13.31 32.17
N LYS A 122 -3.19 13.58 30.91
CA LYS A 122 -3.12 14.93 30.36
C LYS A 122 -4.39 15.25 29.59
N PRO A 123 -4.70 16.56 29.33
CA PRO A 123 -5.94 16.87 28.62
C PRO A 123 -5.93 16.43 27.16
N LYS A 124 -7.04 16.71 26.47
CA LYS A 124 -7.23 16.24 25.11
C LYS A 124 -6.73 17.28 24.11
N VAL A 125 -6.11 16.80 23.03
CA VAL A 125 -5.54 17.66 21.99
C VAL A 125 -5.88 17.05 20.63
N TYR A 126 -5.92 17.91 19.61
CA TYR A 126 -6.15 17.46 18.24
C TYR A 126 -4.91 16.78 17.68
N GLN A 127 -5.09 15.61 17.09
CA GLN A 127 -3.99 14.80 16.58
C GLN A 127 -4.43 14.05 15.34
N TRP A 128 -3.44 13.72 14.50
CA TRP A 128 -3.64 12.93 13.30
C TRP A 128 -3.63 11.43 13.63
N PHE A 129 -4.40 10.67 12.85
CA PHE A 129 -4.48 9.22 12.95
C PHE A 129 -4.62 8.62 11.57
N ASP A 130 -4.01 7.45 11.38
CA ASP A 130 -4.07 6.72 10.13
C ASP A 130 -5.49 6.20 9.89
N LEU A 131 -5.80 5.99 8.61
CA LEU A 131 -7.12 5.51 8.18
C LEU A 131 -7.13 3.99 8.05
N ARG A 132 -8.20 3.37 8.54
CA ARG A 132 -8.38 1.94 8.38
C ARG A 132 -8.56 1.56 6.91
N LYS A 133 -8.15 0.35 6.58
CA LYS A 133 -8.28 -0.16 5.22
C LYS A 133 -9.70 -0.69 5.00
N TYR A 134 -10.03 -0.89 3.73
CA TYR A 134 -11.37 -1.31 3.30
C TYR A 134 -11.37 -2.77 2.88
N ILE B 1 -12.99 -9.52 -8.34
CA ILE B 1 -14.29 -9.17 -8.99
C ILE B 1 -14.02 -8.22 -10.16
N ILE B 2 -15.06 -7.89 -10.92
CA ILE B 2 -14.92 -7.25 -12.22
C ILE B 2 -15.58 -5.88 -12.23
N TYR B 3 -15.01 -4.99 -13.05
CA TYR B 3 -15.36 -3.58 -13.16
C TYR B 3 -16.59 -3.44 -14.07
N PRO B 4 -17.47 -2.44 -13.81
CA PRO B 4 -18.63 -2.28 -14.70
C PRO B 4 -18.20 -1.90 -16.12
N GLY B 5 -18.58 -2.75 -17.08
CA GLY B 5 -18.21 -2.57 -18.48
C GLY B 5 -17.07 -3.42 -18.97
N THR B 6 -16.49 -4.27 -18.10
CA THR B 6 -15.41 -5.18 -18.46
C THR B 6 -15.83 -6.61 -18.13
N LEU B 7 -15.38 -7.55 -18.96
CA LEU B 7 -15.61 -8.97 -18.75
C LEU B 7 -14.46 -9.64 -18.02
N TRP B 8 -13.22 -9.35 -18.43
CA TRP B 8 -12.03 -10.06 -17.99
C TRP B 8 -11.29 -9.39 -16.84
N CYS B 9 -11.34 -8.05 -16.74
CA CYS B 9 -10.59 -7.32 -15.73
C CYS B 9 -10.95 -7.75 -14.31
N GLY B 10 -10.08 -8.52 -13.67
CA GLY B 10 -10.24 -8.94 -12.29
C GLY B 10 -10.35 -10.44 -12.16
N HIS B 11 -10.45 -10.88 -10.89
CA HIS B 11 -10.65 -12.29 -10.62
C HIS B 11 -12.05 -12.73 -11.06
N GLY B 12 -12.15 -14.01 -11.46
CA GLY B 12 -13.38 -14.49 -12.04
C GLY B 12 -13.63 -13.84 -13.40
N ASN B 13 -14.80 -14.14 -13.96
CA ASN B 13 -15.13 -13.59 -15.27
C ASN B 13 -16.58 -13.81 -15.60
N LYS B 14 -17.09 -12.97 -16.51
CA LYS B 14 -18.46 -12.99 -16.99
C LYS B 14 -18.61 -13.60 -18.38
N SER B 15 -17.53 -13.60 -19.18
CA SER B 15 -17.65 -13.82 -20.60
C SER B 15 -18.06 -15.26 -20.92
N SER B 16 -18.66 -15.42 -22.10
CA SER B 16 -19.06 -16.72 -22.63
C SER B 16 -17.96 -17.32 -23.51
N GLY B 17 -17.47 -16.54 -24.47
CA GLY B 17 -16.42 -16.95 -25.36
C GLY B 17 -15.10 -16.29 -24.96
N PRO B 18 -13.96 -16.86 -25.38
CA PRO B 18 -12.69 -16.22 -25.02
C PRO B 18 -12.44 -14.92 -25.77
N ASN B 19 -13.03 -14.75 -26.95
CA ASN B 19 -12.81 -13.55 -27.75
C ASN B 19 -13.67 -12.35 -27.33
N GLU B 20 -14.63 -12.53 -26.43
CA GLU B 20 -15.61 -11.50 -26.17
C GLU B 20 -15.03 -10.38 -25.31
N LEU B 21 -15.41 -9.14 -25.65
CA LEU B 21 -14.92 -7.94 -25.00
C LEU B 21 -16.09 -7.04 -24.61
N GLY B 22 -15.89 -6.25 -23.57
CA GLY B 22 -16.95 -5.41 -23.03
C GLY B 22 -17.17 -4.14 -23.82
N ARG B 23 -17.71 -3.13 -23.12
CA ARG B 23 -18.00 -1.86 -23.78
C ARG B 23 -16.71 -1.08 -24.03
N PHE B 24 -15.85 -0.98 -23.02
CA PHE B 24 -14.54 -0.37 -23.20
C PHE B 24 -13.66 -1.47 -23.80
N LYS B 25 -13.43 -1.39 -25.11
CA LYS B 25 -12.78 -2.49 -25.81
C LYS B 25 -11.28 -2.56 -25.52
N HIS B 26 -10.63 -1.42 -25.29
CA HIS B 26 -9.17 -1.41 -25.26
C HIS B 26 -8.66 -1.87 -23.90
N THR B 27 -9.26 -1.38 -22.82
CA THR B 27 -8.82 -1.80 -21.49
C THR B 27 -9.23 -3.23 -21.22
N ASP B 28 -10.40 -3.64 -21.70
CA ASP B 28 -10.84 -5.01 -21.50
C ASP B 28 -10.04 -5.97 -22.39
N ALA B 29 -9.56 -5.49 -23.54
CA ALA B 29 -8.62 -6.28 -24.33
C ALA B 29 -7.30 -6.45 -23.60
N CYS B 30 -6.82 -5.37 -22.95
CA CYS B 30 -5.61 -5.49 -22.13
C CYS B 30 -5.81 -6.52 -21.02
N CYS B 31 -6.98 -6.49 -20.37
CA CYS B 31 -7.27 -7.46 -19.31
C CYS B 31 -7.40 -8.88 -19.86
N ARG B 32 -7.96 -9.03 -21.06
CA ARG B 32 -8.04 -10.35 -21.67
C ARG B 32 -6.65 -10.92 -21.92
N THR B 33 -5.76 -10.09 -22.47
CA THR B 33 -4.38 -10.50 -22.67
C THR B 33 -3.71 -10.81 -21.33
N HIS B 34 -4.06 -10.05 -20.29
CA HIS B 34 -3.47 -10.27 -18.97
C HIS B 34 -3.91 -11.60 -18.38
N ASP B 35 -5.17 -11.98 -18.60
CA ASP B 35 -5.69 -13.25 -18.09
C ASP B 35 -5.25 -14.45 -18.90
N MET B 36 -4.68 -14.24 -20.10
CA MET B 36 -4.11 -15.31 -20.93
C MET B 36 -2.59 -15.31 -20.87
N CYS B 37 -2.02 -15.15 -19.69
CA CYS B 37 -0.56 -15.20 -19.57
C CYS B 37 -0.10 -16.65 -19.70
N PRO B 38 0.88 -16.97 -20.56
CA PRO B 38 1.30 -18.38 -20.67
C PRO B 38 1.84 -18.99 -19.38
N ASP B 39 2.77 -18.31 -18.72
CA ASP B 39 3.46 -18.83 -17.53
C ASP B 39 2.87 -18.15 -16.29
N VAL B 40 2.03 -18.89 -15.56
CA VAL B 40 1.47 -18.44 -14.29
C VAL B 40 1.72 -19.52 -13.24
N MET B 41 1.41 -19.16 -11.99
CA MET B 41 1.33 -20.12 -10.89
C MET B 41 0.13 -19.71 -10.04
N SER B 42 -0.83 -20.62 -9.90
CA SER B 42 -2.06 -20.31 -9.18
C SER B 42 -1.77 -20.15 -7.69
N ALA B 43 -2.81 -19.78 -6.95
CA ALA B 43 -2.68 -19.51 -5.52
C ALA B 43 -2.19 -20.74 -4.77
N GLY B 44 -1.05 -20.60 -4.10
CA GLY B 44 -0.43 -21.68 -3.39
C GLY B 44 0.33 -22.67 -4.24
N GLU B 45 0.32 -22.53 -5.56
CA GLU B 45 1.04 -23.46 -6.42
C GLU B 45 2.53 -23.30 -6.24
N SER B 46 3.26 -24.40 -6.43
CA SER B 46 4.71 -24.42 -6.44
C SER B 46 5.19 -24.60 -7.87
N LYS B 47 6.17 -23.81 -8.27
CA LYS B 47 6.70 -23.86 -9.62
C LYS B 47 8.09 -23.25 -9.62
N HIS B 48 9.00 -23.84 -10.40
CA HIS B 48 10.36 -23.33 -10.57
C HIS B 48 11.11 -23.24 -9.25
N GLY B 49 10.81 -24.13 -8.31
CA GLY B 49 11.45 -24.11 -7.00
C GLY B 49 10.96 -23.02 -6.06
N LEU B 50 9.89 -22.31 -6.41
CA LEU B 50 9.34 -21.22 -5.61
C LEU B 50 7.95 -21.57 -5.12
N THR B 51 7.57 -20.94 -4.01
CA THR B 51 6.28 -21.14 -3.34
C THR B 51 5.46 -19.86 -3.46
N ASN B 52 4.22 -20.00 -3.92
CA ASN B 52 3.30 -18.88 -4.03
C ASN B 52 2.58 -18.69 -2.69
N THR B 53 2.52 -17.44 -2.23
CA THR B 53 1.96 -17.09 -0.92
C THR B 53 0.81 -16.10 -1.06
N ALA B 54 0.08 -16.15 -2.17
CA ALA B 54 -1.03 -15.24 -2.46
C ALA B 54 -2.31 -16.02 -2.69
N SER B 55 -3.43 -15.44 -2.28
CA SER B 55 -4.74 -16.01 -2.58
C SER B 55 -5.12 -15.80 -4.05
N HIS B 56 -4.55 -14.79 -4.71
CA HIS B 56 -4.74 -14.53 -6.13
C HIS B 56 -3.60 -15.16 -6.92
N THR B 57 -3.89 -15.47 -8.19
CA THR B 57 -2.84 -15.99 -9.07
C THR B 57 -1.77 -14.95 -9.31
N ARG B 58 -0.51 -15.37 -9.23
CA ARG B 58 0.64 -14.53 -9.55
C ARG B 58 1.26 -15.01 -10.85
N LEU B 59 1.69 -14.06 -11.68
CA LEU B 59 2.14 -14.34 -13.04
C LEU B 59 3.50 -13.69 -13.28
N SER B 60 4.07 -13.99 -14.44
CA SER B 60 5.41 -13.54 -14.78
C SER B 60 5.47 -12.05 -15.05
N CYS B 61 6.66 -11.48 -14.86
CA CYS B 61 6.86 -10.05 -15.03
C CYS B 61 6.68 -9.58 -16.47
N ASP B 62 6.86 -10.46 -17.46
CA ASP B 62 6.67 -10.06 -18.85
C ASP B 62 5.22 -9.69 -19.12
N CYS B 63 4.29 -10.51 -18.65
CA CYS B 63 2.86 -10.21 -18.80
C CYS B 63 2.50 -8.94 -18.05
N ASP B 64 3.09 -8.74 -16.86
CA ASP B 64 2.77 -7.55 -16.08
C ASP B 64 3.30 -6.29 -16.76
N ASP B 65 4.49 -6.36 -17.35
CA ASP B 65 5.04 -5.23 -18.08
C ASP B 65 4.18 -4.90 -19.28
N LYS B 66 3.76 -5.92 -20.03
CA LYS B 66 2.88 -5.69 -21.18
C LYS B 66 1.54 -5.10 -20.74
N PHE B 67 1.01 -5.55 -19.60
CA PHE B 67 -0.25 -5.02 -19.09
C PHE B 67 -0.11 -3.56 -18.67
N TYR B 68 1.03 -3.24 -18.05
CA TYR B 68 1.32 -1.87 -17.65
C TYR B 68 1.38 -0.95 -18.85
N ASP B 69 2.15 -1.34 -19.87
CA ASP B 69 2.25 -0.54 -21.10
C ASP B 69 0.90 -0.46 -21.81
N CYS B 70 0.11 -1.54 -21.77
CA CYS B 70 -1.20 -1.53 -22.43
C CYS B 70 -2.11 -0.51 -21.78
N LEU B 71 -2.10 -0.43 -20.44
CA LEU B 71 -2.95 0.53 -19.77
C LEU B 71 -2.43 1.96 -19.91
N LYS B 72 -1.11 2.15 -19.96
CA LYS B 72 -0.61 3.53 -20.08
C LYS B 72 -0.82 4.09 -21.48
N ASN B 73 -0.92 3.24 -22.50
CA ASN B 73 -1.13 3.67 -23.88
C ASN B 73 -2.56 3.43 -24.37
N SER B 74 -3.51 3.15 -23.47
CA SER B 74 -4.87 2.86 -23.89
C SER B 74 -5.62 4.15 -24.20
N ALA B 75 -6.66 4.01 -25.02
CA ALA B 75 -7.48 5.14 -25.47
C ALA B 75 -8.59 5.49 -24.50
N ASP B 76 -9.23 4.49 -23.90
CA ASP B 76 -10.34 4.70 -22.97
C ASP B 76 -9.75 5.05 -21.62
N THR B 77 -9.77 6.35 -21.29
CA THR B 77 -8.87 6.86 -20.26
C THR B 77 -9.31 6.51 -18.84
N ILE B 78 -10.62 6.58 -18.56
CA ILE B 78 -11.06 6.55 -17.17
C ILE B 78 -11.00 5.14 -16.62
N SER B 79 -11.46 4.18 -17.41
CA SER B 79 -11.42 2.77 -16.99
C SER B 79 -9.99 2.28 -16.88
N SER B 80 -9.13 2.64 -17.84
CA SER B 80 -7.74 2.24 -17.77
C SER B 80 -7.06 2.85 -16.55
N TYR B 81 -7.40 4.10 -16.22
CA TYR B 81 -6.87 4.73 -15.01
C TYR B 81 -7.25 3.93 -13.77
N PHE B 82 -8.53 3.58 -13.63
CA PHE B 82 -8.96 2.88 -12.44
C PHE B 82 -8.35 1.47 -12.37
N VAL B 83 -8.28 0.76 -13.48
CA VAL B 83 -7.70 -0.59 -13.45
C VAL B 83 -6.22 -0.52 -13.08
N GLY B 84 -5.50 0.46 -13.64
CA GLY B 84 -4.09 0.61 -13.29
C GLY B 84 -3.90 0.97 -11.83
N LYS B 85 -4.70 1.92 -11.33
CA LYS B 85 -4.61 2.32 -9.93
C LYS B 85 -5.11 1.25 -8.98
N MET B 86 -5.82 0.23 -9.46
CA MET B 86 -6.24 -0.88 -8.61
C MET B 86 -5.26 -2.05 -8.59
N TYR B 87 -4.70 -2.44 -9.75
CA TYR B 87 -3.89 -3.65 -9.77
C TYR B 87 -2.45 -3.44 -9.30
N PHE B 88 -1.73 -2.47 -9.88
CA PHE B 88 -0.28 -2.47 -9.74
C PHE B 88 0.19 -1.96 -8.38
N ASN B 89 -0.49 -0.97 -7.81
CA ASN B 89 0.02 -0.21 -6.67
C ASN B 89 -0.72 -0.49 -5.36
N LEU B 90 -1.83 -1.23 -5.38
CA LEU B 90 -2.67 -1.43 -4.20
C LEU B 90 -2.40 -2.78 -3.53
N ILE B 91 -2.57 -3.88 -4.27
CA ILE B 91 -2.53 -5.21 -3.66
C ILE B 91 -1.13 -5.58 -3.16
N ASP B 92 -0.09 -4.90 -3.62
CA ASP B 92 1.28 -5.13 -3.16
C ASP B 92 1.73 -6.56 -3.46
N THR B 93 1.45 -7.03 -4.67
CA THR B 93 1.86 -8.35 -5.13
C THR B 93 3.26 -8.28 -5.78
N LYS B 94 3.74 -9.44 -6.24
CA LYS B 94 5.03 -9.58 -6.89
C LYS B 94 4.87 -10.29 -8.23
N CYS B 95 5.91 -10.22 -9.06
CA CYS B 95 6.01 -11.01 -10.27
C CYS B 95 7.34 -11.74 -10.28
N TYR B 96 7.39 -12.89 -10.95
CA TYR B 96 8.57 -13.75 -10.97
C TYR B 96 9.20 -13.81 -12.35
N LYS B 97 10.53 -13.79 -12.38
CA LYS B 97 11.27 -14.01 -13.63
C LYS B 97 12.65 -14.58 -13.31
N LEU B 98 13.34 -14.98 -14.36
CA LEU B 98 14.65 -15.63 -14.26
C LEU B 98 15.75 -14.57 -14.30
N GLU B 99 16.61 -14.57 -13.29
CA GLU B 99 17.62 -13.51 -13.15
C GLU B 99 18.78 -14.05 -12.32
N HIS B 100 19.94 -13.41 -12.44
CA HIS B 100 21.05 -13.68 -11.56
C HIS B 100 20.63 -13.44 -10.10
N PRO B 101 21.29 -14.07 -9.13
CA PRO B 101 20.82 -13.93 -7.74
C PRO B 101 20.98 -12.50 -7.23
N VAL B 102 19.88 -11.97 -6.69
CA VAL B 102 19.87 -10.60 -6.19
C VAL B 102 20.70 -10.53 -4.91
N THR B 103 21.55 -9.52 -4.80
CA THR B 103 22.38 -9.27 -3.63
C THR B 103 21.79 -8.20 -2.72
N GLY B 104 21.17 -7.18 -3.28
CA GLY B 104 20.59 -6.13 -2.47
C GLY B 104 19.75 -5.20 -3.32
N CYS B 105 18.92 -4.42 -2.64
CA CYS B 105 18.02 -3.48 -3.30
C CYS B 105 18.71 -2.13 -3.47
N GLY B 106 18.75 -1.64 -4.70
CA GLY B 106 19.36 -0.35 -4.99
C GLY B 106 18.53 0.81 -4.48
N GLU B 107 17.32 0.98 -5.01
CA GLU B 107 16.42 2.05 -4.64
C GLU B 107 15.07 1.46 -4.26
N ARG B 108 14.60 1.83 -3.06
CA ARG B 108 13.35 1.38 -2.45
C ARG B 108 12.51 2.59 -2.10
N THR B 109 11.34 2.73 -2.75
CA THR B 109 10.45 3.87 -2.53
C THR B 109 9.00 3.42 -2.34
N GLU B 110 8.39 3.85 -1.24
CA GLU B 110 6.98 3.59 -0.92
C GLU B 110 6.65 2.10 -0.89
N GLY B 111 7.29 1.39 0.05
CA GLY B 111 7.04 -0.03 0.24
C GLY B 111 7.48 -0.93 -0.88
N ARG B 112 8.12 -0.41 -1.92
CA ARG B 112 8.49 -1.15 -3.12
C ARG B 112 9.99 -1.04 -3.32
N CYS B 113 10.62 -2.14 -3.76
CA CYS B 113 12.00 -2.11 -4.22
C CYS B 113 11.92 -1.99 -5.73
N LEU B 114 12.26 -0.80 -6.24
CA LEU B 114 12.12 -0.51 -7.66
C LEU B 114 13.44 -0.58 -8.42
N HIS B 115 14.59 -0.62 -7.74
CA HIS B 115 15.85 -0.93 -8.43
C HIS B 115 16.71 -1.83 -7.57
N TYR B 116 17.22 -2.92 -8.19
CA TYR B 116 17.96 -3.98 -7.51
C TYR B 116 19.31 -4.20 -8.18
N THR B 117 20.12 -5.06 -7.55
CA THR B 117 21.47 -5.41 -8.02
C THR B 117 21.69 -6.90 -7.80
N VAL B 118 22.55 -7.50 -8.63
CA VAL B 118 22.76 -8.94 -8.66
C VAL B 118 24.25 -9.25 -8.66
N ASP B 119 24.56 -10.53 -8.44
CA ASP B 119 25.91 -11.07 -8.61
C ASP B 119 25.95 -11.80 -9.95
N LYS B 120 26.80 -11.31 -10.87
CA LYS B 120 26.80 -11.81 -12.24
C LYS B 120 27.64 -13.07 -12.41
N SER B 121 28.51 -13.39 -11.45
CA SER B 121 29.34 -14.59 -11.56
C SER B 121 28.52 -15.87 -11.51
N LYS B 122 27.36 -15.84 -10.85
CA LYS B 122 26.57 -17.03 -10.57
C LYS B 122 25.53 -17.27 -11.66
N PRO B 123 25.02 -18.52 -11.80
CA PRO B 123 23.99 -18.76 -12.83
C PRO B 123 22.66 -18.11 -12.49
N LYS B 124 21.66 -18.30 -13.35
CA LYS B 124 20.37 -17.65 -13.20
C LYS B 124 19.42 -18.54 -12.41
N VAL B 125 18.57 -17.91 -11.59
CA VAL B 125 17.59 -18.57 -10.76
C VAL B 125 16.29 -17.81 -10.91
N TYR B 126 15.18 -18.53 -10.76
CA TYR B 126 13.86 -17.91 -10.80
C TYR B 126 13.62 -17.20 -9.47
N GLN B 127 13.22 -15.93 -9.53
CA GLN B 127 13.07 -15.12 -8.33
C GLN B 127 11.95 -14.12 -8.52
N TRP B 128 11.35 -13.72 -7.39
CA TRP B 128 10.32 -12.70 -7.38
C TRP B 128 10.92 -11.30 -7.39
N PHE B 129 10.06 -10.33 -7.71
CA PHE B 129 10.39 -8.91 -7.72
C PHE B 129 9.11 -8.14 -7.44
N ASP B 130 9.25 -7.05 -6.68
CA ASP B 130 8.12 -6.20 -6.38
C ASP B 130 7.66 -5.48 -7.65
N LEU B 131 6.39 -5.06 -7.65
CA LEU B 131 5.80 -4.37 -8.79
C LEU B 131 5.93 -2.86 -8.62
N ARG B 132 6.33 -2.19 -9.70
CA ARG B 132 6.32 -0.74 -9.71
C ARG B 132 4.88 -0.23 -9.66
N LYS B 133 4.70 0.96 -9.08
CA LYS B 133 3.38 1.53 -8.94
C LYS B 133 2.93 2.21 -10.25
N TYR B 134 1.64 2.48 -10.32
CA TYR B 134 1.01 3.03 -11.53
C TYR B 134 0.74 4.52 -11.36
N GLN C 2 -27.06 -7.77 11.03
CA GLN C 2 -27.45 -8.33 12.35
C GLN C 2 -26.32 -9.19 12.91
N VAL C 3 -26.09 -9.10 14.22
CA VAL C 3 -25.09 -9.91 14.91
C VAL C 3 -25.62 -10.31 16.28
N GLN C 4 -24.96 -11.29 16.88
CA GLN C 4 -25.36 -11.84 18.17
C GLN C 4 -24.10 -12.26 18.92
N LEU C 5 -23.93 -11.72 20.13
CA LEU C 5 -22.85 -12.09 21.04
C LEU C 5 -23.47 -12.71 22.29
N VAL C 6 -23.00 -13.90 22.65
CA VAL C 6 -23.58 -14.66 23.77
C VAL C 6 -22.44 -15.21 24.61
N GLU C 7 -22.55 -15.03 25.93
CA GLU C 7 -21.53 -15.46 26.88
C GLU C 7 -21.87 -16.81 27.49
N SER C 8 -20.88 -17.37 28.19
CA SER C 8 -21.03 -18.61 28.92
C SER C 8 -19.97 -18.62 30.02
N GLY C 9 -20.34 -19.15 31.18
CA GLY C 9 -19.52 -19.11 32.38
C GLY C 9 -20.17 -18.22 33.43
N GLY C 10 -19.41 -17.95 34.48
CA GLY C 10 -19.86 -17.04 35.52
C GLY C 10 -20.30 -17.74 36.79
N GLY C 11 -20.84 -16.93 37.70
CA GLY C 11 -21.39 -17.38 38.95
C GLY C 11 -20.52 -17.06 40.14
N LEU C 12 -20.77 -17.79 41.23
CA LEU C 12 -20.01 -17.66 42.46
C LEU C 12 -18.83 -18.62 42.43
N VAL C 13 -17.69 -18.15 42.91
CA VAL C 13 -16.51 -18.99 43.08
C VAL C 13 -15.70 -18.44 44.24
N GLN C 14 -15.00 -19.31 44.94
CA GLN C 14 -14.30 -18.92 46.15
C GLN C 14 -13.07 -18.08 45.81
N ALA C 15 -12.57 -17.35 46.81
CA ALA C 15 -11.40 -16.51 46.66
C ALA C 15 -10.19 -17.32 46.23
N GLY C 16 -9.48 -16.84 45.20
CA GLY C 16 -8.33 -17.53 44.66
C GLY C 16 -8.64 -18.49 43.52
N GLY C 17 -9.89 -18.89 43.35
CA GLY C 17 -10.24 -19.85 42.32
C GLY C 17 -10.08 -19.27 40.93
N SER C 18 -10.20 -20.15 39.94
CA SER C 18 -10.02 -19.81 38.53
C SER C 18 -11.32 -20.08 37.77
N LEU C 19 -11.65 -19.17 36.87
CA LEU C 19 -12.85 -19.28 36.05
C LEU C 19 -12.55 -18.62 34.71
N ARG C 20 -13.10 -19.16 33.63
CA ARG C 20 -13.01 -18.54 32.32
C ARG C 20 -14.41 -18.32 31.75
N LEU C 21 -14.61 -17.13 31.19
CA LEU C 21 -15.80 -16.81 30.42
C LEU C 21 -15.49 -16.95 28.94
N SER C 22 -16.42 -17.55 28.21
CA SER C 22 -16.34 -17.69 26.77
C SER C 22 -17.46 -16.86 26.15
N CYS C 23 -17.20 -16.31 24.97
CA CYS C 23 -18.16 -15.44 24.30
C CYS C 23 -18.13 -15.72 22.82
N ALA C 24 -19.27 -16.15 22.29
CA ALA C 24 -19.40 -16.56 20.90
C ALA C 24 -20.11 -15.46 20.14
N ALA C 25 -19.56 -15.10 18.98
CA ALA C 25 -20.08 -14.07 18.11
C ALA C 25 -20.65 -14.70 16.84
N SER C 26 -21.64 -14.03 16.27
CA SER C 26 -22.31 -14.52 15.07
C SER C 26 -22.82 -13.32 14.28
N GLY C 27 -22.89 -13.50 12.96
CA GLY C 27 -23.55 -12.55 12.07
C GLY C 27 -22.63 -11.93 11.03
N ARG C 28 -21.33 -11.88 11.31
CA ARG C 28 -20.37 -11.20 10.44
C ARG C 28 -19.03 -11.91 10.52
N THR C 29 -18.09 -11.45 9.70
CA THR C 29 -16.71 -11.89 9.82
C THR C 29 -16.18 -11.58 11.21
N PHE C 30 -15.48 -12.55 11.81
CA PHE C 30 -15.03 -12.46 13.19
C PHE C 30 -13.61 -11.93 13.30
N SER C 31 -12.71 -12.40 12.44
CA SER C 31 -11.28 -12.12 12.61
C SER C 31 -10.92 -10.67 12.34
N ARG C 32 -11.75 -9.93 11.59
CA ARG C 32 -11.44 -8.53 11.30
C ARG C 32 -11.42 -7.68 12.56
N TYR C 33 -12.41 -7.87 13.43
CA TYR C 33 -12.76 -6.89 14.44
C TYR C 33 -12.24 -7.30 15.81
N ALA C 34 -11.62 -6.35 16.52
CA ALA C 34 -11.14 -6.61 17.86
C ALA C 34 -12.32 -6.85 18.79
N MET C 35 -12.04 -7.47 19.93
CA MET C 35 -13.07 -7.75 20.93
C MET C 35 -12.49 -7.58 22.32
N GLY C 36 -13.37 -7.34 23.28
CA GLY C 36 -12.93 -7.06 24.63
C GLY C 36 -13.99 -7.40 25.67
N TRP C 37 -13.55 -7.29 26.92
CA TRP C 37 -14.34 -7.62 28.10
C TRP C 37 -14.33 -6.43 29.03
N PHE C 38 -15.53 -6.10 29.52
CA PHE C 38 -15.80 -4.93 30.34
C PHE C 38 -16.37 -5.37 31.67
N ARG C 39 -16.01 -4.66 32.74
CA ARG C 39 -16.35 -5.02 34.11
C ARG C 39 -17.12 -3.86 34.73
N GLN C 40 -18.34 -4.14 35.18
CA GLN C 40 -19.22 -3.15 35.80
C GLN C 40 -19.54 -3.61 37.21
N ALA C 41 -18.95 -2.95 38.21
CA ALA C 41 -19.31 -3.22 39.58
C ALA C 41 -20.61 -2.48 39.91
N PRO C 42 -21.35 -2.90 40.94
CA PRO C 42 -22.56 -2.14 41.30
C PRO C 42 -22.25 -0.70 41.68
N GLY C 43 -22.81 0.23 40.91
CA GLY C 43 -22.64 1.65 41.19
C GLY C 43 -21.39 2.29 40.62
N LYS C 44 -20.83 1.74 39.54
CA LYS C 44 -19.63 2.29 38.92
C LYS C 44 -19.74 2.23 37.40
N GLU C 45 -18.90 3.03 36.74
CA GLU C 45 -18.80 3.01 35.29
C GLU C 45 -18.35 1.64 34.81
N ARG C 46 -18.99 1.15 33.74
CA ARG C 46 -18.55 -0.10 33.13
C ARG C 46 -17.19 0.16 32.49
N GLU C 47 -16.13 -0.16 33.23
CA GLU C 47 -14.76 0.03 32.76
C GLU C 47 -14.28 -1.24 32.07
N PHE C 48 -13.36 -1.08 31.13
CA PHE C 48 -12.83 -2.21 30.39
C PHE C 48 -11.81 -2.93 31.25
N VAL C 49 -11.78 -4.26 31.15
CA VAL C 49 -10.75 -5.06 31.79
C VAL C 49 -9.76 -5.62 30.76
N SER C 50 -10.20 -5.93 29.54
CA SER C 50 -9.26 -6.53 28.60
C SER C 50 -9.76 -6.37 27.19
N ALA C 51 -8.81 -6.43 26.25
CA ALA C 51 -9.17 -6.40 24.84
C ALA C 51 -8.06 -7.04 24.02
N ILE C 52 -8.46 -7.59 22.88
CA ILE C 52 -7.59 -8.35 21.98
C ILE C 52 -7.93 -7.91 20.56
N SER C 53 -6.89 -7.77 19.74
CA SER C 53 -7.06 -7.30 18.38
C SER C 53 -7.62 -8.41 17.48
N GLY C 54 -7.91 -8.03 16.24
CA GLY C 54 -8.42 -9.02 15.29
C GLY C 54 -7.40 -10.09 14.97
N SER C 55 -6.12 -9.72 14.88
CA SER C 55 -5.07 -10.69 14.57
C SER C 55 -4.68 -11.51 15.78
N GLY C 56 -4.86 -10.97 16.99
CA GLY C 56 -4.38 -11.58 18.20
C GLY C 56 -3.05 -11.06 18.68
N GLY C 57 -2.38 -10.22 17.88
CA GLY C 57 -1.00 -9.84 18.14
C GLY C 57 -0.81 -8.74 19.17
N PHE C 58 -1.86 -7.97 19.47
CA PHE C 58 -1.80 -6.89 20.46
C PHE C 58 -3.00 -7.03 21.38
N THR C 59 -2.74 -7.13 22.68
CA THR C 59 -3.76 -7.13 23.72
C THR C 59 -3.47 -6.03 24.72
N ASP C 60 -4.53 -5.39 25.21
CA ASP C 60 -4.44 -4.35 26.23
C ASP C 60 -5.27 -4.77 27.43
N TYR C 61 -4.66 -4.69 28.62
CA TYR C 61 -5.29 -5.05 29.87
C TYR C 61 -5.36 -3.81 30.74
N ALA C 62 -6.40 -3.73 31.58
CA ALA C 62 -6.51 -2.64 32.53
C ALA C 62 -5.52 -2.85 33.67
N ASP C 63 -5.00 -1.73 34.19
CA ASP C 63 -3.92 -1.78 35.17
C ASP C 63 -4.31 -2.50 36.46
N SER C 64 -5.60 -2.53 36.78
CA SER C 64 -6.04 -3.23 37.98
C SER C 64 -5.82 -4.74 37.89
N VAL C 65 -5.79 -5.30 36.68
CA VAL C 65 -5.84 -6.75 36.48
C VAL C 65 -4.73 -7.30 35.60
N LYS C 66 -3.71 -6.50 35.29
CA LYS C 66 -2.61 -7.00 34.47
C LYS C 66 -1.89 -8.15 35.16
N GLY C 67 -1.75 -9.27 34.45
CA GLY C 67 -1.04 -10.43 34.95
C GLY C 67 -1.90 -11.50 35.58
N ARG C 68 -3.17 -11.22 35.86
CA ARG C 68 -4.09 -12.21 36.43
C ARG C 68 -5.07 -12.75 35.40
N PHE C 69 -5.47 -11.95 34.42
CA PHE C 69 -6.41 -12.36 33.39
C PHE C 69 -5.64 -12.60 32.09
N THR C 70 -6.18 -13.49 31.26
CA THR C 70 -5.65 -13.81 29.94
C THR C 70 -6.79 -13.73 28.95
N ILE C 71 -6.49 -13.28 27.72
CA ILE C 71 -7.49 -13.17 26.67
C ILE C 71 -6.98 -13.90 25.43
N SER C 72 -7.91 -14.51 24.70
CA SER C 72 -7.56 -15.27 23.50
C SER C 72 -8.79 -15.38 22.63
N ARG C 73 -8.59 -15.88 21.40
CA ARG C 73 -9.69 -16.05 20.46
C ARG C 73 -9.46 -17.28 19.59
N ASP C 74 -10.57 -17.87 19.16
CA ASP C 74 -10.59 -18.99 18.22
C ASP C 74 -11.41 -18.47 17.04
N ASN C 75 -10.71 -18.13 15.96
CA ASN C 75 -11.37 -17.53 14.81
C ASN C 75 -12.20 -18.53 14.03
N ALA C 76 -11.83 -19.81 14.04
CA ALA C 76 -12.61 -20.81 13.32
C ALA C 76 -13.97 -20.99 13.96
N LYS C 77 -14.01 -21.19 15.27
CA LYS C 77 -15.28 -21.25 16.00
C LYS C 77 -15.87 -19.87 16.28
N SER C 78 -15.15 -18.79 15.99
CA SER C 78 -15.61 -17.41 16.20
C SER C 78 -16.00 -17.19 17.67
N THR C 79 -15.01 -17.36 18.55
CA THR C 79 -15.21 -17.20 19.98
C THR C 79 -14.02 -16.46 20.57
N VAL C 80 -14.25 -15.84 21.73
CA VAL C 80 -13.22 -15.14 22.49
C VAL C 80 -13.31 -15.61 23.95
N TYR C 81 -12.16 -15.95 24.53
CA TYR C 81 -12.08 -16.46 25.89
C TYR C 81 -11.36 -15.44 26.77
N LEU C 82 -11.93 -15.18 27.94
CA LEU C 82 -11.26 -14.44 29.02
C LEU C 82 -11.10 -15.43 30.18
N ARG C 83 -9.85 -15.82 30.43
CA ARG C 83 -9.49 -16.68 31.55
C ARG C 83 -9.10 -15.78 32.72
N MET C 84 -9.52 -16.17 33.93
CA MET C 84 -9.28 -15.41 35.14
C MET C 84 -8.77 -16.36 36.22
N SER C 85 -7.71 -15.94 36.91
CA SER C 85 -7.07 -16.74 37.95
C SER C 85 -6.61 -15.83 39.08
N SER C 86 -6.58 -16.38 40.30
CA SER C 86 -6.18 -15.64 41.50
C SER C 86 -7.08 -14.42 41.73
N LEU C 87 -8.38 -14.67 41.74
CA LEU C 87 -9.35 -13.59 41.94
C LEU C 87 -9.17 -12.96 43.31
N LYS C 88 -9.37 -11.63 43.36
CA LYS C 88 -9.17 -10.82 44.56
C LYS C 88 -10.47 -10.11 44.92
N PRO C 89 -10.58 -9.53 46.13
CA PRO C 89 -11.78 -8.73 46.44
C PRO C 89 -11.86 -7.51 45.54
N GLU C 90 -13.05 -6.89 45.56
CA GLU C 90 -13.38 -5.74 44.72
C GLU C 90 -13.30 -6.06 43.22
N ASP C 91 -13.40 -7.35 42.85
CA ASP C 91 -13.44 -7.78 41.46
C ASP C 91 -14.78 -8.40 41.08
N THR C 92 -15.67 -8.63 42.03
CA THR C 92 -17.02 -9.09 41.73
C THR C 92 -17.77 -8.02 40.95
N ALA C 93 -18.38 -8.43 39.83
CA ALA C 93 -18.99 -7.45 38.94
C ALA C 93 -19.73 -8.20 37.82
N VAL C 94 -20.41 -7.44 36.98
CA VAL C 94 -21.02 -7.97 35.76
C VAL C 94 -19.99 -7.83 34.64
N TYR C 95 -19.72 -8.93 33.95
CA TYR C 95 -18.75 -8.97 32.87
C TYR C 95 -19.50 -9.01 31.54
N TYR C 96 -19.28 -7.98 30.73
CA TYR C 96 -19.90 -7.82 29.42
C TYR C 96 -18.88 -8.09 28.32
N CYS C 97 -19.34 -8.78 27.27
CA CYS C 97 -18.53 -9.05 26.08
C CYS C 97 -18.90 -8.06 25.00
N ALA C 98 -17.88 -7.42 24.42
CA ALA C 98 -18.07 -6.34 23.46
C ALA C 98 -17.18 -6.57 22.25
N ALA C 99 -17.65 -6.09 21.09
CA ALA C 99 -16.96 -6.25 19.81
C ALA C 99 -16.73 -4.90 19.18
N GLU C 100 -15.55 -4.71 18.59
CA GLU C 100 -15.24 -3.46 17.91
C GLU C 100 -16.16 -3.30 16.71
N GLY C 101 -16.78 -2.12 16.61
CA GLY C 101 -17.63 -1.82 15.48
C GLY C 101 -16.83 -1.45 14.24
N SER C 102 -17.57 -1.14 13.18
CA SER C 102 -16.95 -0.73 11.93
C SER C 102 -16.48 0.72 12.04
N ARG C 103 -15.22 0.96 11.70
CA ARG C 103 -14.61 2.28 11.84
C ARG C 103 -13.73 2.55 10.62
N GLY C 104 -13.67 3.83 10.23
CA GLY C 104 -12.83 4.26 9.14
C GLY C 104 -11.45 4.67 9.63
N SER C 105 -11.39 5.26 10.82
CA SER C 105 -10.15 5.67 11.46
C SER C 105 -9.69 4.58 12.43
N SER C 106 -8.42 4.66 12.81
CA SER C 106 -7.92 3.78 13.85
C SER C 106 -8.50 4.18 15.19
N THR C 107 -8.79 3.19 16.04
CA THR C 107 -9.42 3.40 17.33
C THR C 107 -8.58 2.69 18.39
N ARG C 108 -8.73 3.17 19.63
CA ARG C 108 -8.09 2.55 20.78
C ARG C 108 -9.07 1.62 21.47
N LEU C 109 -8.53 0.52 22.01
CA LEU C 109 -9.31 -0.45 22.76
C LEU C 109 -9.63 0.02 24.18
N ASP C 110 -9.21 1.23 24.56
CA ASP C 110 -9.32 1.78 25.89
C ASP C 110 -10.57 2.67 26.04
N ALA C 111 -11.53 2.57 25.11
CA ALA C 111 -12.69 3.45 25.06
C ALA C 111 -13.96 2.65 24.87
N ARG C 112 -15.05 3.10 25.52
CA ARG C 112 -16.35 2.48 25.32
C ARG C 112 -16.86 2.74 23.90
N GLY C 113 -16.63 3.94 23.38
CA GLY C 113 -17.12 4.32 22.06
C GLY C 113 -16.48 3.58 20.90
N THR C 114 -15.46 2.77 21.15
CA THR C 114 -14.87 1.96 20.10
C THR C 114 -15.73 0.75 19.76
N TYR C 115 -16.52 0.26 20.72
CA TYR C 115 -17.27 -0.97 20.59
C TYR C 115 -18.76 -0.63 20.45
N ASP C 116 -19.39 -1.16 19.41
CA ASP C 116 -20.81 -0.95 19.12
C ASP C 116 -21.68 -2.09 19.62
N TYR C 117 -21.24 -3.33 19.45
CA TYR C 117 -22.05 -4.51 19.72
C TYR C 117 -21.65 -5.10 21.06
N TRP C 118 -22.63 -5.28 21.94
CA TRP C 118 -22.42 -5.71 23.32
C TRP C 118 -23.37 -6.87 23.61
N GLY C 119 -22.93 -7.75 24.52
CA GLY C 119 -23.77 -8.81 25.02
C GLY C 119 -24.42 -8.40 26.34
N GLN C 120 -25.25 -9.31 26.86
CA GLN C 120 -25.92 -9.05 28.12
C GLN C 120 -25.01 -9.26 29.32
N GLY C 121 -23.96 -10.08 29.18
CA GLY C 121 -22.98 -10.21 30.22
C GLY C 121 -23.43 -11.09 31.37
N THR C 122 -22.47 -11.72 32.05
CA THR C 122 -22.73 -12.66 33.13
C THR C 122 -22.09 -12.15 34.41
N GLN C 123 -22.64 -12.60 35.54
CA GLN C 123 -22.22 -12.12 36.85
C GLN C 123 -21.03 -12.94 37.31
N VAL C 124 -20.08 -12.27 37.98
CA VAL C 124 -18.91 -12.91 38.57
C VAL C 124 -18.88 -12.50 40.04
N THR C 125 -18.83 -13.49 40.94
CA THR C 125 -18.91 -13.26 42.37
C THR C 125 -17.77 -13.97 43.09
N VAL C 126 -16.94 -13.18 43.78
CA VAL C 126 -15.88 -13.66 44.66
C VAL C 126 -16.33 -13.33 46.07
N SER C 127 -16.48 -14.36 46.92
CA SER C 127 -17.20 -14.25 48.18
C SER C 127 -16.34 -14.31 49.44
N SER C 128 -15.18 -14.97 49.40
CA SER C 128 -14.37 -15.20 50.59
C SER C 128 -13.08 -14.39 50.53
N GLY C 129 -12.18 -14.68 51.46
CA GLY C 129 -10.90 -13.99 51.54
C GLY C 129 -9.86 -14.81 52.28
N GLN D 2 6.40 11.38 -28.73
CA GLN D 2 7.66 12.17 -28.86
C GLN D 2 8.65 11.77 -27.77
N VAL D 3 9.79 11.23 -28.20
CA VAL D 3 10.89 10.87 -27.30
C VAL D 3 12.20 11.22 -28.00
N GLN D 4 12.82 12.33 -27.61
CA GLN D 4 14.05 12.82 -28.24
C GLN D 4 15.16 12.87 -27.22
N LEU D 5 16.23 12.11 -27.48
CA LEU D 5 17.43 12.07 -26.66
C LEU D 5 18.63 12.46 -27.51
N VAL D 6 19.41 13.44 -27.04
CA VAL D 6 20.53 13.99 -27.80
C VAL D 6 21.74 14.19 -26.88
N GLU D 7 22.90 13.72 -27.34
CA GLU D 7 24.15 13.80 -26.58
C GLU D 7 24.98 15.01 -27.02
N SER D 8 26.02 15.30 -26.24
CA SER D 8 26.95 16.37 -26.56
C SER D 8 28.26 16.16 -25.80
N GLY D 9 29.36 16.47 -26.47
CA GLY D 9 30.71 16.28 -25.96
C GLY D 9 31.50 15.25 -26.75
N GLY D 10 32.68 14.93 -26.22
CA GLY D 10 33.56 13.92 -26.76
C GLY D 10 34.75 14.46 -27.53
N GLY D 11 35.90 13.81 -27.35
CA GLY D 11 37.11 14.14 -28.09
C GLY D 11 38.10 14.94 -27.25
N LEU D 12 39.27 15.17 -27.86
CA LEU D 12 40.25 16.18 -27.44
C LEU D 12 40.68 16.03 -25.97
N VAL D 13 40.94 14.80 -25.53
CA VAL D 13 41.42 14.53 -24.17
C VAL D 13 42.64 13.65 -24.22
N GLN D 14 43.62 13.95 -23.36
CA GLN D 14 44.87 13.22 -23.24
C GLN D 14 44.80 12.27 -22.04
N ALA D 15 45.76 11.34 -21.98
CA ALA D 15 45.85 10.44 -20.85
C ALA D 15 46.05 11.25 -19.56
N GLY D 16 45.23 10.94 -18.55
CA GLY D 16 45.21 11.68 -17.32
C GLY D 16 44.21 12.84 -17.30
N GLY D 17 43.77 13.30 -18.47
CA GLY D 17 42.82 14.39 -18.53
C GLY D 17 41.43 13.98 -18.11
N SER D 18 40.59 15.00 -17.89
CA SER D 18 39.20 14.85 -17.47
C SER D 18 38.26 15.55 -18.46
N LEU D 19 37.08 14.95 -18.67
CA LEU D 19 36.08 15.53 -19.55
C LEU D 19 34.69 15.18 -19.04
N ARG D 20 33.71 15.99 -19.43
CA ARG D 20 32.31 15.80 -19.06
C ARG D 20 31.45 15.72 -20.30
N LEU D 21 30.62 14.68 -20.37
CA LEU D 21 29.63 14.51 -21.44
C LEU D 21 28.26 14.89 -20.91
N SER D 22 27.48 15.60 -21.74
CA SER D 22 26.13 16.01 -21.39
C SER D 22 25.12 15.32 -22.31
N CYS D 23 23.94 15.03 -21.78
CA CYS D 23 22.89 14.35 -22.53
C CYS D 23 21.53 14.89 -22.14
N ALA D 24 20.83 15.48 -23.10
CA ALA D 24 19.54 16.14 -22.89
C ALA D 24 18.41 15.31 -23.47
N ALA D 25 17.37 15.10 -22.67
CA ALA D 25 16.17 14.36 -23.06
C ALA D 25 14.96 15.28 -23.09
N SER D 26 13.99 14.93 -23.93
CA SER D 26 12.74 15.68 -24.05
C SER D 26 11.63 14.74 -24.46
N GLY D 27 10.41 15.06 -24.02
CA GLY D 27 9.20 14.36 -24.42
C GLY D 27 8.37 13.81 -23.27
N ARG D 28 8.96 13.55 -22.10
CA ARG D 28 8.21 12.94 -21.00
C ARG D 28 8.77 13.44 -19.68
N THR D 29 8.10 13.06 -18.59
CA THR D 29 8.57 13.32 -17.25
C THR D 29 9.93 12.68 -17.05
N PHE D 30 10.95 13.50 -16.74
CA PHE D 30 12.31 13.02 -16.63
C PHE D 30 12.61 12.44 -15.26
N SER D 31 11.96 12.95 -14.22
CA SER D 31 12.19 12.46 -12.86
C SER D 31 11.65 11.06 -12.62
N ARG D 32 10.83 10.51 -13.52
CA ARG D 32 10.19 9.23 -13.31
C ARG D 32 10.97 8.05 -13.89
N TYR D 33 11.85 8.30 -14.88
CA TYR D 33 12.55 7.25 -15.60
C TYR D 33 14.05 7.45 -15.46
N ALA D 34 14.75 6.35 -15.15
CA ALA D 34 16.19 6.36 -14.99
C ALA D 34 16.89 6.65 -16.32
N MET D 35 18.19 6.95 -16.22
CA MET D 35 19.03 7.24 -17.38
C MET D 35 20.37 6.55 -17.19
N GLY D 36 21.05 6.29 -18.31
CA GLY D 36 22.31 5.57 -18.26
C GLY D 36 23.19 5.82 -19.47
N TRP D 37 24.42 5.32 -19.36
CA TRP D 37 25.46 5.50 -20.36
C TRP D 37 26.08 4.14 -20.72
N PHE D 38 26.25 3.89 -22.01
CA PHE D 38 26.82 2.66 -22.54
C PHE D 38 28.03 3.00 -23.41
N ARG D 39 29.06 2.17 -23.34
CA ARG D 39 30.34 2.43 -23.98
C ARG D 39 30.71 1.26 -24.90
N GLN D 40 30.91 1.55 -26.18
CA GLN D 40 31.23 0.56 -27.20
C GLN D 40 32.57 0.94 -27.84
N ALA D 41 33.62 0.18 -27.54
CA ALA D 41 34.92 0.39 -28.16
C ALA D 41 34.94 -0.24 -29.55
N PRO D 42 35.88 0.15 -30.42
CA PRO D 42 35.98 -0.48 -31.75
C PRO D 42 36.18 -1.99 -31.66
N GLY D 43 35.23 -2.73 -32.21
CA GLY D 43 35.31 -4.18 -32.22
C GLY D 43 34.82 -4.85 -30.97
N LYS D 44 33.97 -4.17 -30.19
CA LYS D 44 33.44 -4.69 -28.95
C LYS D 44 31.96 -4.34 -28.86
N GLU D 45 31.31 -4.89 -27.84
CA GLU D 45 29.89 -4.65 -27.61
C GLU D 45 29.72 -3.35 -26.82
N ARG D 46 28.47 -2.90 -26.70
CA ARG D 46 28.15 -1.69 -25.92
C ARG D 46 27.96 -2.10 -24.47
N GLU D 47 29.04 -2.02 -23.70
CA GLU D 47 29.01 -2.42 -22.29
C GLU D 47 28.64 -1.21 -21.43
N PHE D 48 28.07 -1.52 -20.27
CA PHE D 48 27.57 -0.52 -19.34
C PHE D 48 28.72 0.15 -18.58
N VAL D 49 28.64 1.48 -18.43
CA VAL D 49 29.58 2.24 -17.61
C VAL D 49 28.92 2.83 -16.36
N SER D 50 27.71 3.37 -16.48
CA SER D 50 27.09 3.99 -15.31
C SER D 50 25.63 4.29 -15.58
N ALA D 51 24.86 4.36 -14.50
CA ALA D 51 23.46 4.76 -14.61
C ALA D 51 22.95 5.31 -13.28
N ILE D 52 21.93 6.15 -13.38
CA ILE D 52 21.34 6.87 -12.25
C ILE D 52 19.82 6.83 -12.37
N SER D 53 19.14 6.68 -11.23
CA SER D 53 17.70 6.55 -11.16
C SER D 53 17.00 7.90 -11.36
N GLY D 54 15.67 7.86 -11.35
CA GLY D 54 14.90 9.09 -11.53
C GLY D 54 15.11 10.09 -10.42
N SER D 55 15.17 9.61 -9.17
CA SER D 55 15.38 10.51 -8.04
C SER D 55 16.85 10.85 -7.86
N GLY D 56 17.77 9.98 -8.30
CA GLY D 56 19.18 10.11 -8.05
C GLY D 56 19.70 9.27 -6.90
N GLY D 57 18.81 8.59 -6.16
CA GLY D 57 19.21 7.96 -4.91
C GLY D 57 20.01 6.69 -5.04
N PHE D 58 20.01 6.09 -6.23
CA PHE D 58 20.81 4.90 -6.50
C PHE D 58 21.55 5.10 -7.81
N THR D 59 22.86 4.95 -7.77
CA THR D 59 23.72 4.96 -8.94
C THR D 59 24.49 3.65 -8.99
N ASP D 60 24.66 3.13 -10.21
CA ASP D 60 25.37 1.89 -10.44
C ASP D 60 26.52 2.15 -11.41
N TYR D 61 27.71 1.65 -11.06
CA TYR D 61 28.91 1.75 -11.88
C TYR D 61 29.41 0.35 -12.26
N ALA D 62 29.97 0.24 -13.46
CA ALA D 62 30.64 -0.97 -13.88
C ALA D 62 32.02 -1.06 -13.24
N ASP D 63 32.45 -2.30 -12.96
CA ASP D 63 33.72 -2.52 -12.27
C ASP D 63 34.91 -2.02 -13.08
N SER D 64 34.79 -1.96 -14.41
CA SER D 64 35.87 -1.44 -15.23
C SER D 64 36.10 0.05 -14.97
N VAL D 65 35.06 0.76 -14.54
CA VAL D 65 35.11 2.21 -14.34
C VAL D 65 34.65 2.57 -12.93
N LYS D 66 34.44 1.57 -12.07
CA LYS D 66 34.05 1.85 -10.69
C LYS D 66 35.16 2.60 -9.98
N GLY D 67 34.83 3.76 -9.43
CA GLY D 67 35.77 4.54 -8.67
C GLY D 67 36.52 5.61 -9.44
N ARG D 68 36.48 5.56 -10.77
CA ARG D 68 37.13 6.54 -11.63
C ARG D 68 36.18 7.53 -12.29
N PHE D 69 34.95 7.12 -12.61
CA PHE D 69 33.95 7.95 -13.26
C PHE D 69 32.88 8.35 -12.25
N THR D 70 32.22 9.48 -12.54
CA THR D 70 31.13 9.99 -11.72
C THR D 70 29.94 10.29 -12.63
N ILE D 71 28.74 10.10 -12.09
CA ILE D 71 27.49 10.32 -12.82
C ILE D 71 26.63 11.27 -12.00
N SER D 72 25.84 12.09 -12.70
CA SER D 72 24.96 13.04 -12.05
C SER D 72 23.84 13.41 -13.01
N ARG D 73 22.79 14.03 -12.47
CA ARG D 73 21.65 14.42 -13.28
C ARG D 73 20.99 15.66 -12.71
N ASP D 74 20.37 16.43 -13.60
CA ASP D 74 19.60 17.62 -13.26
C ASP D 74 18.19 17.37 -13.80
N ASN D 75 17.26 17.05 -12.89
CA ASN D 75 15.89 16.74 -13.30
C ASN D 75 15.13 18.00 -13.72
N ALA D 76 15.44 19.14 -13.11
CA ALA D 76 14.76 20.38 -13.47
C ALA D 76 15.19 20.84 -14.86
N LYS D 77 16.48 20.74 -15.16
CA LYS D 77 17.00 21.09 -16.47
C LYS D 77 16.84 19.96 -17.49
N SER D 78 16.51 18.75 -17.04
CA SER D 78 16.29 17.59 -17.92
C SER D 78 17.57 17.23 -18.67
N THR D 79 18.63 16.99 -17.90
CA THR D 79 19.91 16.59 -18.46
C THR D 79 20.59 15.60 -17.52
N VAL D 80 21.51 14.83 -18.08
CA VAL D 80 22.35 13.92 -17.32
C VAL D 80 23.80 14.14 -17.75
N TYR D 81 24.69 14.27 -16.77
CA TYR D 81 26.10 14.54 -16.98
C TYR D 81 26.92 13.33 -16.52
N LEU D 82 27.87 12.92 -17.35
CA LEU D 82 28.87 11.92 -16.97
C LEU D 82 30.24 12.58 -16.93
N ARG D 83 30.82 12.64 -15.74
CA ARG D 83 32.16 13.14 -15.53
C ARG D 83 33.14 11.98 -15.57
N MET D 84 34.27 12.18 -16.25
CA MET D 84 35.32 11.19 -16.38
C MET D 84 36.64 11.88 -16.07
N SER D 85 37.49 11.21 -15.30
CA SER D 85 38.78 11.76 -14.90
C SER D 85 39.82 10.66 -14.93
N SER D 86 41.04 11.06 -15.27
CA SER D 86 42.16 10.13 -15.43
C SER D 86 41.84 9.07 -16.47
N LEU D 87 41.35 9.51 -17.62
CA LEU D 87 41.03 8.59 -18.71
C LEU D 87 42.30 7.95 -19.27
N LYS D 88 42.16 6.69 -19.69
CA LYS D 88 43.24 5.87 -20.22
C LYS D 88 42.87 5.47 -21.64
N PRO D 89 43.80 4.90 -22.43
CA PRO D 89 43.43 4.48 -23.80
C PRO D 89 42.34 3.41 -23.88
N GLU D 90 42.07 2.68 -22.79
CA GLU D 90 41.00 1.69 -22.83
C GLU D 90 39.62 2.34 -22.98
N ASP D 91 39.47 3.59 -22.54
CA ASP D 91 38.20 4.28 -22.57
C ASP D 91 37.84 4.84 -23.95
N THR D 92 38.74 4.74 -24.94
CA THR D 92 38.39 5.18 -26.29
C THR D 92 37.24 4.34 -26.83
N ALA D 93 36.14 5.01 -27.20
CA ALA D 93 34.91 4.31 -27.55
C ALA D 93 33.82 5.27 -28.02
N VAL D 94 32.67 4.75 -28.43
CA VAL D 94 31.47 5.52 -28.66
C VAL D 94 30.59 5.43 -27.42
N TYR D 95 30.15 6.58 -26.92
CA TYR D 95 29.31 6.67 -25.73
C TYR D 95 27.88 6.97 -26.17
N TYR D 96 26.97 6.05 -25.84
CA TYR D 96 25.55 6.16 -26.13
C TYR D 96 24.80 6.44 -24.83
N CYS D 97 23.87 7.39 -24.88
CA CYS D 97 23.03 7.75 -23.75
C CYS D 97 21.64 7.15 -23.94
N ALA D 98 21.14 6.47 -22.90
CA ALA D 98 19.92 5.68 -22.98
C ALA D 98 19.00 6.00 -21.80
N ALA D 99 17.69 5.81 -22.02
CA ALA D 99 16.65 6.14 -21.05
C ALA D 99 15.78 4.91 -20.75
N GLU D 100 15.44 4.75 -19.47
CA GLU D 100 14.59 3.65 -19.04
C GLU D 100 13.19 3.78 -19.64
N GLY D 101 12.71 2.69 -20.25
CA GLY D 101 11.36 2.64 -20.77
C GLY D 101 10.33 2.39 -19.67
N SER D 102 9.08 2.30 -20.09
CA SER D 102 7.98 2.05 -19.16
C SER D 102 7.97 0.57 -18.79
N ARG D 103 7.96 0.29 -17.49
CA ARG D 103 8.00 -1.06 -16.96
C ARG D 103 7.08 -1.17 -15.75
N GLY D 104 6.48 -2.34 -15.59
CA GLY D 104 5.64 -2.63 -14.44
C GLY D 104 6.40 -3.26 -13.29
N SER D 105 7.42 -4.05 -13.62
CA SER D 105 8.25 -4.75 -12.65
C SER D 105 9.50 -3.94 -12.31
N SER D 106 10.17 -4.35 -11.24
CA SER D 106 11.45 -3.75 -10.87
C SER D 106 12.51 -4.11 -11.89
N THR D 107 13.44 -3.17 -12.10
CA THR D 107 14.48 -3.27 -13.12
C THR D 107 15.86 -3.09 -12.49
N ARG D 108 16.86 -3.65 -13.15
CA ARG D 108 18.26 -3.46 -12.79
C ARG D 108 18.86 -2.42 -13.73
N LEU D 109 19.71 -1.55 -13.18
CA LEU D 109 20.37 -0.54 -14.01
C LEU D 109 21.56 -1.09 -14.80
N ASP D 110 21.92 -2.36 -14.61
CA ASP D 110 23.10 -2.94 -15.22
C ASP D 110 22.76 -3.76 -16.47
N ALA D 111 21.56 -3.59 -17.03
CA ALA D 111 21.04 -4.41 -18.11
C ALA D 111 20.53 -3.54 -19.24
N ARG D 112 20.74 -4.04 -20.47
CA ARG D 112 20.29 -3.34 -21.67
C ARG D 112 18.77 -3.30 -21.76
N GLY D 113 18.10 -4.38 -21.36
CA GLY D 113 16.65 -4.48 -21.51
C GLY D 113 15.85 -3.52 -20.66
N THR D 114 16.50 -2.78 -19.76
CA THR D 114 15.80 -1.76 -18.98
C THR D 114 15.53 -0.50 -19.81
N TYR D 115 16.37 -0.21 -20.81
CA TYR D 115 16.32 1.03 -21.57
C TYR D 115 15.80 0.79 -22.97
N ASP D 116 14.77 1.54 -23.35
CA ASP D 116 14.13 1.46 -24.67
C ASP D 116 14.58 2.55 -25.62
N TYR D 117 14.71 3.79 -25.15
CA TYR D 117 14.93 4.96 -25.99
C TYR D 117 16.40 5.37 -25.93
N TRP D 118 17.01 5.50 -27.11
CA TRP D 118 18.46 5.70 -27.25
C TRP D 118 18.75 6.90 -28.13
N GLY D 119 19.90 7.52 -27.89
CA GLY D 119 20.40 8.61 -28.70
C GLY D 119 21.40 8.13 -29.74
N GLN D 120 21.92 9.11 -30.51
CA GLN D 120 22.87 8.80 -31.57
C GLN D 120 24.27 8.53 -31.03
N GLY D 121 24.62 9.11 -29.88
CA GLY D 121 25.88 8.83 -29.23
C GLY D 121 27.08 9.50 -29.88
N THR D 122 28.09 9.86 -29.09
CA THR D 122 29.27 10.57 -29.57
C THR D 122 30.54 9.83 -29.18
N GLN D 123 31.60 10.03 -29.95
CA GLN D 123 32.86 9.33 -29.76
C GLN D 123 33.78 10.07 -28.79
N VAL D 124 34.51 9.29 -27.99
CA VAL D 124 35.52 9.79 -27.05
C VAL D 124 36.82 9.08 -27.41
N THR D 125 37.89 9.85 -27.59
CA THR D 125 39.18 9.36 -28.03
C THR D 125 40.23 9.84 -27.05
N VAL D 126 40.92 8.91 -26.39
CA VAL D 126 41.93 9.21 -25.39
C VAL D 126 43.30 8.86 -25.95
N SER D 127 44.16 9.88 -26.08
CA SER D 127 45.49 9.76 -26.66
C SER D 127 46.53 9.99 -25.57
N SER D 128 47.72 9.43 -25.79
CA SER D 128 48.82 9.53 -24.83
C SER D 128 49.96 10.35 -25.43
C1 NAG E . -18.97 21.91 -6.20
C2 NAG E . -18.01 23.06 -6.54
C3 NAG E . -18.20 24.18 -5.52
C4 NAG E . -19.67 24.60 -5.45
C5 NAG E . -20.59 23.38 -5.29
C6 NAG E . -22.06 23.73 -5.43
C7 NAG E . -15.71 23.17 -7.38
C8 NAG E . -14.33 22.59 -7.30
N2 NAG E . -16.63 22.61 -6.57
O3 NAG E . -17.38 25.30 -5.87
O4 NAG E . -19.85 25.49 -4.35
O5 NAG E . -20.30 22.38 -6.28
O6 NAG E . -22.70 22.81 -6.33
O7 NAG E . -15.99 24.08 -8.15
C1 NAG F . -13.32 -17.63 -17.80
C2 NAG F . -13.62 -18.79 -16.84
C3 NAG F . -12.86 -20.03 -17.31
C4 NAG F . -13.18 -20.33 -18.78
C5 NAG F . -13.04 -19.08 -19.65
C6 NAG F . -13.58 -19.27 -21.06
C7 NAG F . -13.94 -18.95 -14.42
C8 NAG F . -13.46 -18.51 -13.07
N2 NAG F . -13.27 -18.46 -15.47
O3 NAG F . -13.18 -21.14 -16.49
O4 NAG F . -12.29 -21.34 -19.26
O5 NAG F . -13.78 -17.97 -19.10
O6 NAG F . -14.42 -18.20 -21.43
O7 NAG F . -14.89 -19.71 -14.55
#